data_8K18
#
_entry.id   8K18
#
_cell.length_a   1.00
_cell.length_b   1.00
_cell.length_c   1.00
_cell.angle_alpha   90.00
_cell.angle_beta   90.00
_cell.angle_gamma   90.00
#
_symmetry.space_group_name_H-M   'P 1'
#
loop_
_entity.id
_entity.type
_entity.pdbx_description
1 polymer 'Spike protein S1'
2 polymer 'ZCP4C9 heavy chain'
3 polymer 'ZCP4C9 light chain'
#
loop_
_entity_poly.entity_id
_entity_poly.type
_entity_poly.pdbx_seq_one_letter_code
_entity_poly.pdbx_strand_id
1 'polypeptide(L)'
;NLCPFDEVFNATKFPSVYAWERKKISNCVADYSVLYNFTPFFAFKCYGVSATKLNDLCFSNVYADSFVVKGDDVSQIAPG
QTGNIADYNYKLPDDFMGCVLAWNTRKIDATSTGNYNYRYRLFRKSNLKPFERDISTEIYQAGNKPCNGVAGVNCYFPLQ
SYSFRPTYGVGHQPYRVVVLSFELLHAPATVCG
;
E
2 'polypeptide(L)'
;EVQLVESGGNLVQPGGSLRLSCEVSGFIVSRNYMSWVRQAPGQGLEWLSIIYPGGSTFYAESVKDRFTISRPDSKNTLYL
QMNSLRAEDTGTYFCARGLLEWRYGQDVWGQGTTVTVSS
;
C
3 'polypeptide(L)'
;DIQMTQSPSSLSASVGDRVTITCQASQDVNEDLNWYQQKPGKAPKLLIYGAFNLETGVSSKFSGSGSGTHFTLTISSLQP
EDIATYYCQQYGHQALSFGGGTKVEIK
;
D
#
# COMPACT_ATOMS: atom_id res chain seq x y z
N ASN A 1 25.17 9.44 -35.60
CA ASN A 1 25.30 8.18 -34.84
C ASN A 1 23.96 7.92 -34.18
N LEU A 2 23.46 6.69 -34.26
CA LEU A 2 22.21 6.28 -33.59
C LEU A 2 22.39 6.31 -32.07
N CYS A 3 21.29 6.44 -31.34
CA CYS A 3 21.29 6.54 -29.88
C CYS A 3 21.09 5.17 -29.25
N PRO A 4 21.64 4.93 -28.05
CA PRO A 4 21.49 3.67 -27.34
C PRO A 4 20.16 3.63 -26.55
N PHE A 5 19.01 3.82 -27.23
CA PHE A 5 17.71 3.44 -26.66
C PHE A 5 17.60 1.89 -26.61
N ASP A 6 18.21 1.19 -27.58
CA ASP A 6 18.23 -0.28 -27.61
C ASP A 6 18.91 -0.90 -26.39
N GLU A 7 20.05 -0.35 -25.96
CA GLU A 7 20.85 -0.82 -24.82
C GLU A 7 20.13 -0.69 -23.47
N VAL A 8 19.21 0.28 -23.33
CA VAL A 8 18.42 0.53 -22.09
C VAL A 8 17.05 -0.14 -22.12
N PHE A 9 16.32 -0.09 -23.24
CA PHE A 9 15.00 -0.72 -23.37
C PHE A 9 15.09 -2.25 -23.43
N ASN A 10 16.00 -2.79 -24.24
CA ASN A 10 16.27 -4.23 -24.31
C ASN A 10 17.41 -4.67 -23.37
N ALA A 11 17.68 -3.92 -22.29
CA ALA A 11 18.66 -4.34 -21.28
C ALA A 11 18.29 -5.71 -20.69
N THR A 12 19.22 -6.67 -20.72
CA THR A 12 18.99 -8.01 -20.15
C THR A 12 18.76 -7.92 -18.64
N LYS A 13 19.60 -7.14 -17.95
CA LYS A 13 19.46 -6.80 -16.53
C LYS A 13 18.78 -5.45 -16.38
N PHE A 14 17.70 -5.45 -15.63
CA PHE A 14 17.00 -4.24 -15.19
C PHE A 14 17.30 -3.96 -13.71
N PRO A 15 17.56 -2.70 -13.32
CA PRO A 15 17.69 -2.31 -11.92
C PRO A 15 16.32 -2.24 -11.22
N SER A 16 16.31 -2.38 -9.89
CA SER A 16 15.11 -2.15 -9.06
C SER A 16 14.78 -0.66 -8.93
N VAL A 17 13.49 -0.35 -8.71
CA VAL A 17 13.00 1.04 -8.54
C VAL A 17 13.65 1.85 -7.42
N TYR A 18 14.10 1.23 -6.31
CA TYR A 18 14.82 1.97 -5.26
C TYR A 18 16.26 2.37 -5.65
N ALA A 19 16.84 1.70 -6.66
CA ALA A 19 18.24 1.83 -7.07
C ALA A 19 18.34 1.96 -8.60
N TRP A 20 17.41 2.71 -9.20
CA TRP A 20 17.41 3.08 -10.62
C TRP A 20 18.73 3.74 -11.03
N GLU A 21 18.96 3.83 -12.33
CA GLU A 21 20.13 4.47 -12.92
C GLU A 21 19.70 5.54 -13.93
N ARG A 22 20.59 6.53 -14.13
CA ARG A 22 20.43 7.59 -15.12
C ARG A 22 21.59 7.50 -16.09
N LYS A 23 21.28 7.55 -17.39
CA LYS A 23 22.28 7.65 -18.45
C LYS A 23 22.09 8.95 -19.25
N LYS A 24 23.17 9.73 -19.39
CA LYS A 24 23.19 10.99 -20.15
C LYS A 24 23.34 10.71 -21.64
N ILE A 25 22.45 11.27 -22.45
CA ILE A 25 22.50 11.26 -23.92
C ILE A 25 22.82 12.68 -24.40
N SER A 26 24.11 12.90 -24.68
CA SER A 26 24.63 14.20 -25.13
C SER A 26 24.70 14.30 -26.66
N ASN A 27 25.58 13.52 -27.30
CA ASN A 27 25.84 13.69 -28.73
C ASN A 27 25.29 12.50 -29.53
N CYS A 28 24.12 12.66 -30.14
CA CYS A 28 23.50 11.63 -30.96
C CYS A 28 22.37 12.20 -31.85
N VAL A 29 22.10 11.54 -32.98
CA VAL A 29 20.87 11.72 -33.77
C VAL A 29 20.02 10.46 -33.66
N ALA A 30 18.84 10.59 -33.08
CA ALA A 30 17.94 9.49 -32.81
C ALA A 30 17.04 9.16 -34.01
N ASP A 31 16.40 8.00 -33.97
CA ASP A 31 15.39 7.56 -34.94
C ASP A 31 14.16 7.08 -34.18
N TYR A 32 13.23 7.99 -33.90
CA TYR A 32 12.13 7.72 -32.97
C TYR A 32 11.03 6.82 -33.56
N SER A 33 11.24 6.29 -34.76
CA SER A 33 10.52 5.11 -35.25
C SER A 33 10.72 3.88 -34.35
N VAL A 34 11.82 3.80 -33.55
CA VAL A 34 12.01 2.75 -32.53
C VAL A 34 11.14 2.89 -31.27
N LEU A 35 10.63 4.08 -30.94
CA LEU A 35 9.77 4.29 -29.78
C LEU A 35 8.28 4.42 -30.17
N TYR A 36 7.98 5.38 -31.05
CA TYR A 36 6.60 5.75 -31.37
C TYR A 36 5.95 4.77 -32.36
N ASN A 37 6.68 4.33 -33.41
CA ASN A 37 6.16 3.40 -34.42
C ASN A 37 6.26 1.92 -34.02
N PHE A 38 6.07 1.61 -32.73
CA PHE A 38 6.08 0.24 -32.20
C PHE A 38 5.03 0.04 -31.10
N THR A 39 4.63 -1.22 -30.89
CA THR A 39 3.62 -1.64 -29.90
C THR A 39 4.10 -2.64 -28.81
N PRO A 40 5.28 -2.49 -28.17
CA PRO A 40 5.67 -3.29 -27.00
C PRO A 40 5.26 -2.61 -25.66
N PHE A 41 4.91 -1.32 -25.67
CA PHE A 41 4.59 -0.51 -24.49
C PHE A 41 3.09 -0.53 -24.21
N PHE A 42 2.73 -0.72 -22.94
CA PHE A 42 1.34 -0.75 -22.49
C PHE A 42 0.95 0.59 -21.83
N ALA A 43 1.90 1.22 -21.13
CA ALA A 43 1.77 2.59 -20.67
C ALA A 43 2.52 3.52 -21.63
N PHE A 44 1.83 4.60 -22.03
CA PHE A 44 2.40 5.67 -22.83
C PHE A 44 1.74 6.99 -22.41
N LYS A 45 2.53 7.91 -21.84
CA LYS A 45 2.08 9.24 -21.44
C LYS A 45 3.25 10.22 -21.54
N CYS A 46 3.26 11.00 -22.62
CA CYS A 46 4.21 12.08 -22.82
C CYS A 46 3.67 13.37 -22.21
N TYR A 47 4.50 14.06 -21.43
CA TYR A 47 4.20 15.30 -20.72
C TYR A 47 4.92 16.47 -21.38
N GLY A 48 4.16 17.52 -21.73
CA GLY A 48 4.69 18.75 -22.34
C GLY A 48 5.17 18.64 -23.79
N VAL A 49 5.41 17.43 -24.29
CA VAL A 49 5.85 17.13 -25.66
C VAL A 49 4.94 16.06 -26.28
N SER A 50 4.49 16.25 -27.53
CA SER A 50 3.64 15.27 -28.24
C SER A 50 4.43 14.06 -28.77
N ALA A 51 3.72 12.95 -29.01
CA ALA A 51 4.33 11.66 -29.38
C ALA A 51 4.88 11.56 -30.83
N THR A 52 4.76 12.61 -31.65
CA THR A 52 5.21 12.63 -33.06
C THR A 52 6.13 13.80 -33.40
N LYS A 53 5.81 15.01 -32.92
CA LYS A 53 6.59 16.24 -33.15
C LYS A 53 7.89 16.31 -32.34
N LEU A 54 8.07 15.39 -31.38
CA LEU A 54 9.26 15.31 -30.55
C LEU A 54 10.55 15.02 -31.35
N ASN A 55 10.43 14.50 -32.58
CA ASN A 55 11.57 14.20 -33.44
C ASN A 55 12.38 15.47 -33.75
N ASP A 56 11.76 16.51 -34.29
CA ASP A 56 12.39 17.81 -34.53
C ASP A 56 12.17 18.76 -33.33
N LEU A 57 12.45 18.28 -32.11
CA LEU A 57 12.53 19.10 -30.90
C LEU A 57 13.87 18.86 -30.21
N CYS A 58 14.79 19.82 -30.39
CA CYS A 58 16.08 19.78 -29.71
C CYS A 58 15.94 20.06 -28.20
N PHE A 59 16.77 19.37 -27.42
CA PHE A 59 16.88 19.50 -25.97
C PHE A 59 18.37 19.30 -25.58
N SER A 60 18.89 20.00 -24.54
CA SER A 60 20.35 20.05 -24.28
C SER A 60 20.95 18.69 -23.86
N ASN A 61 20.15 17.87 -23.19
CA ASN A 61 20.42 16.48 -22.85
C ASN A 61 19.09 15.72 -22.73
N VAL A 62 19.18 14.41 -22.89
CA VAL A 62 18.11 13.44 -22.58
C VAL A 62 18.69 12.40 -21.63
N TYR A 63 17.88 11.94 -20.67
CA TYR A 63 18.21 10.88 -19.74
C TYR A 63 17.26 9.70 -19.92
N ALA A 64 17.81 8.48 -19.94
CA ALA A 64 17.05 7.24 -19.93
C ALA A 64 17.09 6.62 -18.53
N ASP A 65 16.00 6.80 -17.77
CA ASP A 65 15.91 6.47 -16.35
C ASP A 65 15.08 5.19 -16.20
N SER A 66 15.74 4.01 -16.11
CA SER A 66 15.05 2.70 -16.20
C SER A 66 14.98 1.95 -14.86
N PHE A 67 13.90 1.18 -14.67
CA PHE A 67 13.59 0.46 -13.44
C PHE A 67 12.44 -0.56 -13.61
N VAL A 68 12.04 -1.23 -12.52
CA VAL A 68 10.91 -2.18 -12.46
C VAL A 68 9.98 -1.81 -11.32
N VAL A 69 8.68 -1.72 -11.61
CA VAL A 69 7.59 -1.57 -10.62
C VAL A 69 6.52 -2.64 -10.82
N LYS A 70 5.53 -2.67 -9.93
CA LYS A 70 4.34 -3.53 -10.04
C LYS A 70 3.32 -2.96 -11.04
N GLY A 71 2.28 -3.73 -11.37
CA GLY A 71 1.30 -3.35 -12.40
C GLY A 71 0.65 -1.98 -12.19
N ASP A 72 -0.08 -1.85 -11.07
CA ASP A 72 -0.75 -0.60 -10.70
C ASP A 72 0.19 0.47 -10.11
N ASP A 73 1.43 0.10 -9.74
CA ASP A 73 2.47 1.05 -9.33
C ASP A 73 2.97 1.94 -10.49
N VAL A 74 2.70 1.60 -11.76
CA VAL A 74 2.96 2.50 -12.91
C VAL A 74 2.14 3.80 -12.82
N SER A 75 0.92 3.75 -12.28
CA SER A 75 0.08 4.97 -12.09
C SER A 75 0.65 5.95 -11.07
N GLN A 76 1.56 5.51 -10.19
CA GLN A 76 2.28 6.36 -9.26
C GLN A 76 3.41 7.15 -9.94
N ILE A 77 3.86 6.73 -11.13
CA ILE A 77 4.97 7.36 -11.87
C ILE A 77 4.48 8.53 -12.70
N ALA A 78 4.13 9.61 -11.99
CA ALA A 78 3.63 10.83 -12.68
C ALA A 78 3.86 12.04 -11.77
N PRO A 79 4.33 13.19 -12.32
CA PRO A 79 4.53 14.39 -11.52
C PRO A 79 3.37 14.66 -10.55
N GLY A 80 3.67 14.77 -9.24
CA GLY A 80 2.62 15.11 -8.25
C GLY A 80 2.05 13.88 -7.56
N GLN A 81 2.02 12.73 -8.25
CA GLN A 81 1.43 11.50 -7.66
C GLN A 81 1.86 11.35 -6.20
N THR A 82 0.90 11.06 -5.30
CA THR A 82 1.24 10.86 -3.87
C THR A 82 1.49 9.38 -3.50
N GLY A 83 1.57 8.48 -4.49
CA GLY A 83 1.76 7.04 -4.29
C GLY A 83 3.08 6.66 -3.61
N ASN A 84 3.13 5.43 -3.08
CA ASN A 84 4.24 4.86 -2.28
C ASN A 84 5.61 4.94 -3.00
N ILE A 85 5.63 4.60 -4.29
CA ILE A 85 6.81 4.71 -5.15
C ILE A 85 7.15 6.19 -5.43
N ALA A 86 6.15 6.99 -5.76
CA ALA A 86 6.35 8.42 -6.05
C ALA A 86 6.95 9.17 -4.84
N ASP A 87 6.51 8.88 -3.60
CA ASP A 87 6.89 9.64 -2.42
C ASP A 87 8.16 9.13 -1.71
N TYR A 88 8.47 7.81 -1.78
CA TYR A 88 9.59 7.17 -1.05
C TYR A 88 10.68 6.53 -1.92
N ASN A 89 10.48 6.36 -3.23
CA ASN A 89 11.41 5.64 -4.13
C ASN A 89 12.03 6.55 -5.18
N TYR A 90 11.17 7.21 -5.97
CA TYR A 90 11.57 8.00 -7.12
C TYR A 90 10.44 8.96 -7.52
N LYS A 91 10.69 10.27 -7.35
CA LYS A 91 9.70 11.35 -7.62
C LYS A 91 10.06 12.10 -8.91
N LEU A 92 9.05 12.33 -9.74
CA LEU A 92 9.11 13.22 -10.88
C LEU A 92 8.76 14.67 -10.45
N PRO A 93 9.44 15.72 -10.97
CA PRO A 93 9.05 17.11 -10.72
C PRO A 93 7.65 17.43 -11.27
N ASP A 94 6.96 18.40 -10.64
CA ASP A 94 5.60 18.79 -11.04
C ASP A 94 5.53 19.54 -12.39
N ASP A 95 6.62 20.20 -12.78
CA ASP A 95 6.89 20.81 -14.09
C ASP A 95 7.65 19.87 -15.07
N PHE A 96 7.59 18.55 -14.85
CA PHE A 96 8.28 17.57 -15.69
C PHE A 96 7.93 17.69 -17.17
N MET A 97 8.96 17.54 -18.01
CA MET A 97 8.84 17.39 -19.45
C MET A 97 9.58 16.14 -19.92
N GLY A 98 8.96 15.41 -20.85
CA GLY A 98 9.50 14.13 -21.31
C GLY A 98 8.42 13.12 -21.61
N CYS A 99 8.82 11.85 -21.72
CA CYS A 99 7.93 10.73 -21.98
C CYS A 99 8.19 9.60 -21.00
N VAL A 100 7.17 8.79 -20.75
CA VAL A 100 7.29 7.54 -19.99
C VAL A 100 6.75 6.40 -20.82
N LEU A 101 7.54 5.32 -20.90
CA LEU A 101 7.24 4.10 -21.63
C LEU A 101 7.37 2.93 -20.65
N ALA A 102 6.27 2.22 -20.37
CA ALA A 102 6.29 1.06 -19.48
C ALA A 102 5.66 -0.16 -20.15
N TRP A 103 6.20 -1.34 -19.85
CA TRP A 103 5.70 -2.58 -20.41
C TRP A 103 5.73 -3.76 -19.44
N ASN A 104 4.74 -4.63 -19.60
CA ASN A 104 4.62 -5.84 -18.81
C ASN A 104 5.76 -6.81 -19.13
N THR A 105 6.31 -7.43 -18.09
CA THR A 105 7.42 -8.37 -18.22
C THR A 105 7.26 -9.60 -17.34
N ARG A 106 6.01 -10.04 -17.12
CA ARG A 106 5.70 -11.22 -16.31
C ARG A 106 6.51 -12.46 -16.71
N LYS A 107 6.63 -12.76 -18.00
CA LYS A 107 7.34 -13.95 -18.48
C LYS A 107 8.86 -13.96 -18.23
N ILE A 108 9.47 -12.82 -17.87
CA ILE A 108 10.91 -12.68 -17.60
C ILE A 108 11.23 -12.16 -16.19
N ASP A 109 10.23 -11.63 -15.47
CA ASP A 109 10.37 -11.00 -14.15
C ASP A 109 9.42 -11.59 -13.08
N ALA A 110 8.58 -12.59 -13.39
CA ALA A 110 7.71 -13.32 -12.45
C ALA A 110 7.97 -14.84 -12.52
N THR A 111 8.49 -15.42 -11.44
CA THR A 111 8.74 -16.88 -11.32
C THR A 111 7.69 -17.55 -10.43
N SER A 112 7.38 -18.82 -10.68
CA SER A 112 6.42 -19.61 -9.90
C SER A 112 6.74 -19.66 -8.40
N THR A 113 8.03 -19.70 -8.07
CA THR A 113 8.52 -19.71 -6.68
C THR A 113 8.30 -18.39 -5.93
N GLY A 114 7.99 -17.29 -6.64
CA GLY A 114 8.05 -15.92 -6.14
C GLY A 114 9.40 -15.26 -6.47
N ASN A 115 9.39 -14.17 -7.23
CA ASN A 115 10.59 -13.38 -7.52
C ASN A 115 10.83 -12.31 -6.44
N TYR A 116 11.83 -12.55 -5.59
CA TYR A 116 12.23 -11.63 -4.52
C TYR A 116 13.43 -10.72 -4.87
N ASN A 117 13.88 -10.74 -6.13
CA ASN A 117 15.06 -9.98 -6.58
C ASN A 117 14.78 -8.49 -6.73
N TYR A 118 13.67 -8.15 -7.41
CA TYR A 118 13.21 -6.77 -7.50
C TYR A 118 12.66 -6.32 -6.16
N ARG A 119 13.01 -5.10 -5.77
CA ARG A 119 12.69 -4.52 -4.46
C ARG A 119 12.20 -3.10 -4.63
N TYR A 120 11.70 -2.55 -3.52
CA TYR A 120 11.33 -1.16 -3.40
C TYR A 120 11.46 -0.69 -1.94
N ARG A 121 11.59 0.62 -1.77
CA ARG A 121 11.69 1.32 -0.49
C ARG A 121 10.28 1.63 0.04
N LEU A 122 9.88 0.96 1.11
CA LEU A 122 8.65 1.31 1.82
C LEU A 122 8.87 2.39 2.89
N PHE A 123 10.12 2.58 3.33
CA PHE A 123 10.44 3.47 4.44
C PHE A 123 11.49 4.50 4.05
N ARG A 124 11.08 5.78 4.02
CA ARG A 124 12.01 6.87 3.65
C ARG A 124 11.58 8.12 4.42
N LYS A 125 12.36 8.50 5.44
CA LYS A 125 12.02 9.69 6.26
C LYS A 125 11.84 10.90 5.34
N SER A 126 10.81 11.72 5.57
CA SER A 126 10.52 12.87 4.69
C SER A 126 10.25 12.38 3.26
N ASN A 127 10.50 13.22 2.25
CA ASN A 127 10.20 12.82 0.85
C ASN A 127 11.40 13.16 -0.05
N LEU A 128 11.63 12.36 -1.09
CA LEU A 128 12.75 12.57 -2.01
C LEU A 128 12.59 13.87 -2.81
N LYS A 129 13.71 14.45 -3.25
CA LYS A 129 13.72 15.55 -4.23
C LYS A 129 13.42 15.02 -5.64
N PRO A 130 12.96 15.87 -6.57
CA PRO A 130 12.85 15.51 -7.98
C PRO A 130 14.17 14.92 -8.50
N PHE A 131 14.10 13.73 -9.10
CA PHE A 131 15.29 12.98 -9.56
C PHE A 131 16.33 12.63 -8.48
N GLU A 132 15.99 12.70 -7.18
CA GLU A 132 16.90 12.26 -6.10
C GLU A 132 16.99 10.73 -6.05
N ARG A 133 18.20 10.23 -5.78
CA ARG A 133 18.48 8.80 -5.67
C ARG A 133 18.91 8.47 -4.25
N ASP A 134 18.27 7.48 -3.65
CA ASP A 134 18.63 6.97 -2.33
C ASP A 134 18.84 5.45 -2.39
N ILE A 135 20.04 5.01 -2.05
CA ILE A 135 20.40 3.58 -1.95
C ILE A 135 20.87 3.21 -0.55
N SER A 136 20.76 4.13 0.42
CA SER A 136 21.18 3.90 1.80
C SER A 136 20.44 2.71 2.42
N THR A 137 21.21 1.89 3.11
CA THR A 137 20.76 0.71 3.85
C THR A 137 20.69 0.97 5.36
N GLU A 138 20.81 2.24 5.79
CA GLU A 138 20.79 2.63 7.21
C GLU A 138 19.47 2.22 7.88
N ILE A 139 19.55 1.55 9.03
CA ILE A 139 18.39 0.90 9.65
C ILE A 139 17.29 1.91 10.00
N TYR A 140 16.05 1.59 9.63
CA TYR A 140 14.96 2.51 9.85
C TYR A 140 14.55 2.55 11.33
N GLN A 141 14.61 3.77 11.87
CA GLN A 141 14.09 4.09 13.19
C GLN A 141 12.56 4.13 13.12
N ALA A 142 11.84 3.22 13.77
CA ALA A 142 10.36 3.22 13.73
C ALA A 142 9.73 4.14 14.79
N GLY A 143 10.43 4.36 15.91
CA GLY A 143 10.03 5.28 16.97
C GLY A 143 11.16 6.16 17.48
N ASN A 144 11.07 6.60 18.76
CA ASN A 144 12.13 7.41 19.39
C ASN A 144 13.06 6.61 20.34
N LYS A 145 12.69 5.38 20.73
CA LYS A 145 13.63 4.51 21.47
C LYS A 145 14.83 4.19 20.56
N PRO A 146 16.08 4.25 21.05
CA PRO A 146 17.26 3.96 20.23
C PRO A 146 17.27 2.51 19.73
N CYS A 147 17.62 2.34 18.45
CA CYS A 147 17.67 1.00 17.83
C CYS A 147 19.12 0.58 17.58
N ASN A 148 20.08 1.45 17.86
CA ASN A 148 21.50 1.15 17.57
C ASN A 148 21.58 0.36 16.26
N GLY A 149 20.93 0.86 15.21
CA GLY A 149 20.91 0.15 13.90
C GLY A 149 20.70 -1.33 14.08
N VAL A 150 19.63 -1.73 14.79
CA VAL A 150 19.37 -3.17 15.06
C VAL A 150 17.89 -3.46 14.79
N ALA A 151 17.50 -4.74 14.81
CA ALA A 151 16.09 -5.12 14.56
C ALA A 151 15.46 -5.62 15.86
N GLY A 152 14.33 -5.01 16.26
CA GLY A 152 13.61 -5.42 17.47
C GLY A 152 12.40 -4.52 17.73
N VAL A 153 12.13 -4.16 19.00
CA VAL A 153 11.02 -3.26 19.33
C VAL A 153 11.29 -1.84 18.80
N ASN A 154 10.34 -1.28 18.03
CA ASN A 154 10.45 0.05 17.40
C ASN A 154 11.58 0.18 16.35
N CYS A 155 12.06 -0.95 15.81
CA CYS A 155 13.26 -1.01 14.98
C CYS A 155 13.05 -1.99 13.82
N TYR A 156 12.94 -1.47 12.60
CA TYR A 156 12.53 -2.23 11.43
C TYR A 156 13.59 -2.18 10.34
N PHE A 157 13.70 -3.24 9.55
CA PHE A 157 14.57 -3.22 8.38
C PHE A 157 13.99 -2.28 7.31
N PRO A 158 14.77 -1.30 6.78
CA PRO A 158 14.27 -0.23 5.90
C PRO A 158 13.78 -0.73 4.53
N LEU A 159 14.44 -1.76 4.00
CA LEU A 159 14.22 -2.24 2.64
C LEU A 159 13.31 -3.45 2.63
N GLN A 160 12.45 -3.55 1.63
CA GLN A 160 11.58 -4.70 1.42
C GLN A 160 11.72 -5.21 -0.02
N SER A 161 11.00 -6.28 -0.37
CA SER A 161 11.07 -6.87 -1.70
C SER A 161 9.71 -7.06 -2.34
N TYR A 162 9.66 -7.04 -3.67
CA TYR A 162 8.54 -7.63 -4.39
C TYR A 162 8.60 -9.17 -4.30
N SER A 163 7.57 -9.85 -4.81
CA SER A 163 7.42 -11.30 -4.75
C SER A 163 6.72 -11.79 -6.02
N PHE A 164 7.26 -11.42 -7.20
CA PHE A 164 6.49 -11.56 -8.44
C PHE A 164 6.22 -13.03 -8.77
N ARG A 165 4.94 -13.41 -8.75
CA ARG A 165 4.42 -14.76 -9.03
C ARG A 165 3.55 -14.71 -10.31
N PRO A 166 3.43 -15.82 -11.06
CA PRO A 166 2.61 -15.88 -12.28
C PRO A 166 1.10 -15.91 -12.02
N THR A 167 0.67 -16.11 -10.76
CA THR A 167 -0.73 -16.20 -10.34
C THR A 167 -1.46 -14.87 -10.29
N TYR A 168 -0.73 -13.74 -10.25
CA TYR A 168 -1.34 -12.41 -10.24
C TYR A 168 -1.98 -12.09 -11.60
N GLY A 169 -3.18 -11.51 -11.54
CA GLY A 169 -3.85 -10.88 -12.66
C GLY A 169 -3.10 -9.65 -13.20
N VAL A 170 -3.69 -8.97 -14.16
CA VAL A 170 -3.09 -7.77 -14.80
C VAL A 170 -2.72 -6.64 -13.81
N GLY A 171 -3.39 -6.58 -12.65
CA GLY A 171 -3.17 -5.53 -11.63
C GLY A 171 -1.75 -5.46 -11.06
N HIS A 172 -1.05 -6.59 -10.92
CA HIS A 172 0.13 -6.65 -10.06
C HIS A 172 1.25 -7.61 -10.55
N GLN A 173 1.25 -7.92 -11.84
CA GLN A 173 2.44 -8.49 -12.50
C GLN A 173 3.61 -7.47 -12.50
N PRO A 174 4.88 -7.88 -12.70
CA PRO A 174 5.99 -6.95 -12.90
C PRO A 174 5.90 -6.19 -14.24
N TYR A 175 6.34 -4.93 -14.22
CA TYR A 175 6.48 -4.07 -15.38
C TYR A 175 7.89 -3.45 -15.41
N ARG A 176 8.60 -3.63 -16.53
CA ARG A 176 9.81 -2.87 -16.86
C ARG A 176 9.40 -1.49 -17.37
N VAL A 177 10.02 -0.45 -16.80
CA VAL A 177 9.65 0.95 -17.03
C VAL A 177 10.89 1.73 -17.47
N VAL A 178 10.67 2.71 -18.34
CA VAL A 178 11.64 3.74 -18.68
C VAL A 178 10.96 5.11 -18.60
N VAL A 179 11.56 6.00 -17.84
CA VAL A 179 11.21 7.42 -17.73
C VAL A 179 12.28 8.21 -18.49
N LEU A 180 11.88 8.98 -19.50
CA LEU A 180 12.78 9.88 -20.21
C LEU A 180 12.71 11.29 -19.62
N SER A 181 13.82 11.74 -19.03
CA SER A 181 13.96 13.10 -18.52
C SER A 181 14.71 13.98 -19.52
N PHE A 182 14.12 15.07 -19.99
CA PHE A 182 14.78 16.01 -20.90
C PHE A 182 15.35 17.22 -20.10
N GLU A 183 16.45 17.87 -20.52
CA GLU A 183 17.02 19.08 -19.86
C GLU A 183 17.35 20.22 -20.86
N LEU A 184 16.79 21.45 -20.72
CA LEU A 184 17.05 22.57 -21.66
C LEU A 184 18.38 23.27 -21.35
N THR A 190 22.10 18.64 -28.09
CA THR A 190 22.58 18.18 -29.39
C THR A 190 21.93 16.87 -29.85
N VAL A 191 20.67 16.66 -29.40
CA VAL A 191 19.83 15.51 -29.71
C VAL A 191 18.55 15.95 -30.43
N CYS A 192 18.25 15.25 -31.53
CA CYS A 192 17.08 15.42 -32.43
C CYS A 192 16.79 14.07 -33.14
N GLY A 193 15.73 14.01 -33.94
CA GLY A 193 15.20 12.81 -34.58
C GLY A 193 15.86 12.47 -35.92
N GLU B 1 6.15 -4.25 25.96
CA GLU B 1 4.81 -4.72 25.59
C GLU B 1 4.22 -3.78 24.54
N VAL B 2 3.47 -4.33 23.58
CA VAL B 2 2.74 -3.53 22.59
C VAL B 2 1.33 -3.26 23.10
N GLN B 3 0.94 -1.99 23.21
CA GLN B 3 -0.38 -1.57 23.67
C GLN B 3 -0.77 -0.26 22.94
N LEU B 4 -2.06 -0.02 22.76
CA LEU B 4 -2.60 1.21 22.17
C LEU B 4 -3.68 1.80 23.09
N VAL B 5 -3.79 3.13 23.06
CA VAL B 5 -4.68 3.91 23.94
C VAL B 5 -5.57 4.80 23.07
N GLU B 6 -6.81 4.41 22.84
CA GLU B 6 -7.83 5.29 22.27
C GLU B 6 -8.53 6.16 23.32
N SER B 7 -8.78 7.41 22.95
CA SER B 7 -9.47 8.39 23.79
C SER B 7 -9.93 9.59 22.95
N GLY B 8 -10.80 10.42 23.52
CA GLY B 8 -11.31 11.65 22.90
C GLY B 8 -12.74 11.55 22.36
N GLY B 9 -13.33 10.35 22.33
CA GLY B 9 -14.73 10.16 21.98
C GLY B 9 -15.71 10.69 23.02
N ASN B 10 -16.71 11.41 22.52
CA ASN B 10 -17.74 12.13 23.27
C ASN B 10 -18.96 12.39 22.34
N LEU B 11 -20.11 12.73 22.94
CA LEU B 11 -21.35 13.05 22.22
C LEU B 11 -21.23 14.39 21.47
N VAL B 12 -21.79 14.47 20.26
CA VAL B 12 -21.64 15.66 19.41
C VAL B 12 -22.83 15.81 18.44
N GLN B 13 -23.14 17.05 18.05
CA GLN B 13 -24.11 17.32 16.99
C GLN B 13 -23.54 17.03 15.59
N PRO B 14 -24.41 16.73 14.60
CA PRO B 14 -24.00 16.66 13.20
C PRO B 14 -23.34 17.97 12.73
N GLY B 15 -22.28 17.86 11.93
CA GLY B 15 -21.47 18.97 11.43
C GLY B 15 -20.43 19.50 12.42
N GLY B 16 -20.36 18.95 13.65
CA GLY B 16 -19.44 19.41 14.68
C GLY B 16 -17.95 19.09 14.43
N SER B 17 -17.17 19.25 15.50
CA SER B 17 -15.75 18.87 15.57
C SER B 17 -15.48 17.97 16.77
N LEU B 18 -14.49 17.09 16.63
CA LEU B 18 -14.00 16.21 17.68
C LEU B 18 -12.50 15.92 17.47
N ARG B 19 -11.81 15.47 18.51
CA ARG B 19 -10.37 15.16 18.48
C ARG B 19 -10.04 13.87 19.22
N LEU B 20 -9.25 13.00 18.58
CA LEU B 20 -8.72 11.79 19.20
C LEU B 20 -7.30 12.02 19.75
N SER B 21 -6.95 11.23 20.77
CA SER B 21 -5.64 11.24 21.42
C SER B 21 -5.13 9.82 21.65
N CYS B 22 -3.83 9.64 21.44
CA CYS B 22 -3.08 8.42 21.71
C CYS B 22 -1.60 8.77 21.98
N GLU B 23 -1.20 8.83 23.25
CA GLU B 23 0.22 8.81 23.62
C GLU B 23 0.77 7.41 23.40
N VAL B 24 1.47 7.23 22.27
CA VAL B 24 1.66 5.89 21.71
C VAL B 24 2.63 5.08 22.57
N SER B 25 2.18 3.94 23.08
CA SER B 25 3.02 2.94 23.72
C SER B 25 3.33 1.78 22.77
N GLY B 26 4.29 0.91 23.13
CA GLY B 26 4.66 -0.27 22.33
C GLY B 26 5.47 -0.02 21.07
N PHE B 27 5.16 1.09 20.41
CA PHE B 27 5.90 1.74 19.33
C PHE B 27 5.75 3.24 19.53
N ILE B 28 6.33 4.04 18.64
CA ILE B 28 6.06 5.48 18.59
C ILE B 28 5.57 5.82 17.19
N VAL B 29 4.58 6.70 17.14
CA VAL B 29 3.94 7.19 15.92
C VAL B 29 4.93 7.75 14.91
N SER B 30 5.94 8.53 15.32
CA SER B 30 6.72 9.46 14.47
C SER B 30 7.24 8.88 13.15
N ARG B 31 7.36 7.55 13.02
CA ARG B 31 7.94 6.85 11.86
C ARG B 31 7.25 5.51 11.52
N ASN B 32 5.94 5.37 11.77
CA ASN B 32 5.15 4.15 11.48
C ASN B 32 4.05 4.38 10.43
N TYR B 33 3.59 3.28 9.81
CA TYR B 33 2.34 3.18 9.08
C TYR B 33 1.16 3.17 10.05
N MET B 34 0.26 4.14 9.90
CA MET B 34 -0.91 4.25 10.73
C MET B 34 -2.17 4.55 9.94
N SER B 35 -3.13 3.66 10.07
CA SER B 35 -4.45 3.81 9.46
C SER B 35 -5.47 4.31 10.47
N TRP B 36 -6.66 4.64 9.97
CA TRP B 36 -7.86 4.92 10.72
C TRP B 36 -9.00 4.12 10.12
N VAL B 37 -9.58 3.25 10.92
CA VAL B 37 -10.68 2.36 10.56
C VAL B 37 -11.69 2.41 11.69
N ARG B 38 -12.91 2.84 11.37
CA ARG B 38 -14.00 2.85 12.33
C ARG B 38 -14.95 1.69 12.03
N GLN B 39 -15.71 1.28 13.04
CA GLN B 39 -16.78 0.30 12.87
C GLN B 39 -18.07 0.87 13.47
N ALA B 40 -19.19 0.89 12.74
CA ALA B 40 -20.44 1.28 13.39
C ALA B 40 -20.97 0.13 14.27
N PRO B 41 -21.63 0.42 15.40
CA PRO B 41 -22.18 -0.61 16.29
C PRO B 41 -23.05 -1.63 15.52
N GLY B 42 -22.60 -2.89 15.47
CA GLY B 42 -23.28 -3.97 14.75
C GLY B 42 -23.07 -4.01 13.22
N GLN B 43 -22.21 -3.16 12.66
CA GLN B 43 -21.89 -3.11 11.22
C GLN B 43 -20.48 -3.62 10.88
N GLY B 44 -20.14 -3.59 9.58
CA GLY B 44 -18.80 -3.86 9.08
C GLY B 44 -17.78 -2.75 9.36
N LEU B 45 -16.51 -3.12 9.21
CA LEU B 45 -15.38 -2.19 9.28
C LEU B 45 -15.40 -1.22 8.10
N GLU B 46 -14.97 0.02 8.36
CA GLU B 46 -14.96 1.10 7.38
C GLU B 46 -13.62 1.81 7.41
N TRP B 47 -12.82 1.63 6.34
CA TRP B 47 -11.58 2.36 6.18
C TRP B 47 -11.84 3.85 5.93
N LEU B 48 -11.08 4.71 6.62
CA LEU B 48 -11.27 6.16 6.57
C LEU B 48 -10.07 6.86 5.91
N SER B 49 -8.88 6.58 6.44
CA SER B 49 -7.62 7.18 5.99
C SER B 49 -6.41 6.40 6.50
N ILE B 50 -5.23 6.80 6.05
CA ILE B 50 -3.94 6.25 6.46
C ILE B 50 -2.83 7.26 6.24
N ILE B 51 -2.02 7.51 7.28
CA ILE B 51 -0.77 8.28 7.20
C ILE B 51 0.43 7.33 7.13
N TYR B 52 1.39 7.69 6.29
CA TYR B 52 2.59 6.90 6.06
C TYR B 52 3.75 7.46 6.92
N PRO B 53 4.87 6.71 7.06
CA PRO B 53 6.03 7.13 7.83
C PRO B 53 6.66 8.49 7.44
N GLY B 54 6.58 8.89 6.17
CA GLY B 54 7.04 10.20 5.67
C GLY B 54 5.96 11.28 5.61
N GLY B 55 4.70 10.92 5.90
CA GLY B 55 3.56 11.84 5.97
C GLY B 55 2.53 11.72 4.84
N SER B 56 2.67 10.76 3.91
CA SER B 56 1.71 10.55 2.82
C SER B 56 0.33 10.20 3.36
N THR B 57 -0.72 10.65 2.67
CA THR B 57 -2.10 10.41 3.09
C THR B 57 -2.96 9.97 1.92
N PHE B 58 -3.87 9.04 2.20
CA PHE B 58 -4.90 8.60 1.28
C PHE B 58 -6.26 8.63 1.97
N TYR B 59 -7.29 8.99 1.20
CA TYR B 59 -8.69 9.12 1.63
C TYR B 59 -9.62 8.59 0.54
N ALA B 60 -10.71 7.93 0.93
CA ALA B 60 -11.81 7.58 0.02
C ALA B 60 -12.66 8.82 -0.27
N GLU B 61 -13.30 8.88 -1.44
CA GLU B 61 -14.09 10.04 -1.86
C GLU B 61 -15.30 10.33 -0.95
N SER B 62 -15.85 9.31 -0.28
CA SER B 62 -16.94 9.43 0.71
C SER B 62 -16.57 10.20 1.98
N VAL B 63 -15.28 10.22 2.34
CA VAL B 63 -14.73 10.84 3.55
C VAL B 63 -13.60 11.84 3.27
N LYS B 64 -13.34 12.13 1.99
CA LYS B 64 -12.31 13.06 1.53
C LYS B 64 -12.59 14.48 2.04
N ASP B 65 -11.51 15.21 2.36
CA ASP B 65 -11.54 16.60 2.83
C ASP B 65 -12.26 16.86 4.18
N ARG B 66 -12.95 15.86 4.76
CA ARG B 66 -13.60 15.94 6.08
C ARG B 66 -12.68 15.54 7.22
N PHE B 67 -11.85 14.52 7.01
CA PHE B 67 -10.92 14.01 8.02
C PHE B 67 -9.51 14.51 7.71
N THR B 68 -8.75 14.88 8.74
CA THR B 68 -7.37 15.34 8.60
C THR B 68 -6.48 14.58 9.58
N ILE B 69 -5.96 13.43 9.13
CA ILE B 69 -4.95 12.68 9.88
C ILE B 69 -3.61 13.40 9.74
N SER B 70 -3.11 13.93 10.85
CA SER B 70 -1.84 14.65 10.89
C SER B 70 -1.11 14.40 12.19
N ARG B 71 0.17 14.76 12.20
CA ARG B 71 1.06 14.48 13.32
C ARG B 71 2.18 15.53 13.37
N PRO B 72 2.39 16.20 14.52
CA PRO B 72 3.63 16.90 14.82
C PRO B 72 4.74 15.93 15.23
N ASP B 73 5.97 16.19 14.78
CA ASP B 73 7.17 15.46 15.23
C ASP B 73 7.64 15.82 16.65
N SER B 74 7.12 16.92 17.23
CA SER B 74 7.43 17.37 18.58
C SER B 74 6.78 16.54 19.70
N LYS B 75 5.74 15.73 19.40
CA LYS B 75 5.04 14.89 20.37
C LYS B 75 4.86 13.46 19.87
N ASN B 76 4.88 12.50 20.79
CA ASN B 76 4.52 11.11 20.53
C ASN B 76 2.99 10.90 20.49
N THR B 77 2.31 11.51 19.51
CA THR B 77 0.85 11.34 19.35
C THR B 77 0.43 11.40 17.88
N LEU B 78 -0.39 10.42 17.46
CA LEU B 78 -1.22 10.58 16.27
C LEU B 78 -2.37 11.52 16.62
N TYR B 79 -2.55 12.58 15.83
CA TYR B 79 -3.71 13.43 15.95
C TYR B 79 -4.72 13.10 14.84
N LEU B 80 -5.99 13.33 15.15
CA LEU B 80 -7.06 13.39 14.16
C LEU B 80 -7.93 14.60 14.49
N GLN B 81 -7.80 15.67 13.69
CA GLN B 81 -8.74 16.78 13.75
C GLN B 81 -9.93 16.44 12.86
N MET B 82 -11.05 16.11 13.48
CA MET B 82 -12.24 15.63 12.80
C MET B 82 -13.27 16.75 12.67
N ASN B 83 -13.82 16.95 11.46
CA ASN B 83 -14.80 17.98 11.15
C ASN B 83 -15.98 17.40 10.34
N SER B 84 -17.10 18.13 10.30
CA SER B 84 -18.27 17.79 9.48
C SER B 84 -18.87 16.41 9.79
N LEU B 85 -18.89 16.03 11.07
CA LEU B 85 -19.36 14.74 11.59
C LEU B 85 -20.80 14.44 11.14
N ARG B 86 -21.15 13.15 11.00
CA ARG B 86 -22.50 12.71 10.63
C ARG B 86 -22.95 11.51 11.48
N ALA B 87 -24.25 11.22 11.53
CA ALA B 87 -24.79 10.12 12.34
C ALA B 87 -24.16 8.76 11.96
N GLU B 88 -23.85 8.57 10.67
CA GLU B 88 -23.09 7.41 10.18
C GLU B 88 -21.65 7.33 10.72
N ASP B 89 -21.04 8.39 11.27
CA ASP B 89 -19.67 8.40 11.79
C ASP B 89 -19.54 7.86 13.26
N THR B 90 -20.55 7.16 13.81
CA THR B 90 -20.55 6.63 15.21
C THR B 90 -19.58 5.45 15.41
N GLY B 91 -18.44 5.68 16.06
CA GLY B 91 -17.45 4.64 16.43
C GLY B 91 -17.19 4.59 17.94
N THR B 92 -16.36 3.70 18.50
CA THR B 92 -15.65 2.54 17.92
C THR B 92 -14.64 2.90 16.81
N TYR B 93 -13.71 3.80 17.14
CA TYR B 93 -12.57 4.19 16.28
C TYR B 93 -11.34 3.39 16.63
N PHE B 94 -10.58 2.95 15.63
CA PHE B 94 -9.30 2.23 15.80
C PHE B 94 -8.20 2.80 14.90
N CYS B 95 -7.02 3.08 15.47
CA CYS B 95 -5.84 3.33 14.66
C CYS B 95 -5.03 2.04 14.50
N ALA B 96 -4.46 1.80 13.33
CA ALA B 96 -3.81 0.53 13.02
C ALA B 96 -2.30 0.67 12.96
N ARG B 97 -1.54 -0.33 13.39
CA ARG B 97 -0.09 -0.43 13.11
C ARG B 97 0.16 -1.34 11.91
N GLY B 98 0.73 -0.82 10.82
CA GLY B 98 1.18 -1.67 9.70
C GLY B 98 2.56 -2.31 9.99
N LEU B 99 2.67 -3.63 9.86
CA LEU B 99 3.95 -4.36 9.88
C LEU B 99 4.64 -4.35 8.50
N LEU B 100 5.78 -5.07 8.45
CA LEU B 100 6.75 -5.06 7.34
C LEU B 100 6.46 -6.13 6.29
N GLU B 101 7.10 -6.01 5.13
CA GLU B 101 6.98 -6.94 4.01
C GLU B 101 5.50 -7.13 3.63
N TRP B 102 5.18 -8.23 2.96
CA TRP B 102 3.77 -8.44 2.51
C TRP B 102 2.89 -8.64 3.74
N ARG B 103 3.47 -8.52 4.93
CA ARG B 103 2.67 -8.63 6.19
C ARG B 103 2.16 -7.23 6.57
N TYR B 104 1.26 -6.67 5.76
CA TYR B 104 0.68 -5.33 6.05
C TYR B 104 -0.51 -5.53 6.98
N GLY B 105 -0.54 -6.63 7.73
CA GLY B 105 -1.61 -6.90 8.66
C GLY B 105 -1.62 -5.95 9.83
N GLN B 106 -2.75 -5.26 9.97
CA GLN B 106 -2.99 -4.28 11.00
C GLN B 106 -3.30 -5.04 12.31
N ASP B 107 -2.29 -5.60 12.95
CA ASP B 107 -2.44 -6.59 14.04
C ASP B 107 -2.89 -5.98 15.37
N VAL B 108 -2.51 -4.73 15.63
CA VAL B 108 -2.72 -4.05 16.91
C VAL B 108 -3.44 -2.73 16.69
N TRP B 109 -4.65 -2.65 17.26
CA TRP B 109 -5.53 -1.48 17.14
C TRP B 109 -5.80 -0.81 18.49
N GLY B 110 -6.26 -1.58 19.49
CA GLY B 110 -6.66 -1.05 20.78
C GLY B 110 -8.06 -1.51 21.18
N GLN B 111 -8.77 -0.71 21.97
CA GLN B 111 -10.15 -1.01 22.42
C GLN B 111 -11.22 -0.11 21.79
N GLY B 112 -10.82 1.04 21.27
CA GLY B 112 -11.71 2.02 20.66
C GLY B 112 -12.28 3.06 21.64
N THR B 113 -12.69 4.21 21.08
CA THR B 113 -13.27 5.34 21.83
C THR B 113 -14.66 5.69 21.30
N THR B 114 -15.61 6.02 22.19
CA THR B 114 -17.04 6.16 21.84
C THR B 114 -17.37 7.58 21.39
N VAL B 115 -17.51 7.79 20.08
CA VAL B 115 -18.02 9.01 19.44
C VAL B 115 -19.44 8.75 18.99
N THR B 116 -20.41 9.53 19.47
CA THR B 116 -21.82 9.39 19.07
C THR B 116 -22.28 10.71 18.46
N VAL B 117 -22.86 10.66 17.26
CA VAL B 117 -23.28 11.87 16.53
C VAL B 117 -24.80 11.90 16.41
N SER B 118 -25.45 12.82 17.11
CA SER B 118 -26.91 12.95 17.17
C SER B 118 -27.34 14.37 17.57
N SER B 119 -28.55 14.75 17.17
CA SER B 119 -29.13 16.08 17.45
C SER B 119 -29.47 16.27 18.93
N ASP C 1 -12.57 2.59 -4.37
CA ASP C 1 -12.43 1.63 -3.24
C ASP C 1 -12.77 0.25 -3.75
N ILE C 2 -11.87 -0.73 -3.59
CA ILE C 2 -12.09 -2.11 -4.07
C ILE C 2 -13.23 -2.74 -3.30
N GLN C 3 -14.22 -3.33 -3.97
CA GLN C 3 -15.31 -4.00 -3.29
C GLN C 3 -14.92 -5.44 -3.00
N MET C 4 -14.92 -5.82 -1.72
CA MET C 4 -14.69 -7.21 -1.32
C MET C 4 -16.00 -7.82 -0.84
N THR C 5 -16.52 -8.81 -1.57
CA THR C 5 -17.75 -9.51 -1.18
C THR C 5 -17.38 -10.89 -0.64
N GLN C 6 -17.94 -11.24 0.52
CA GLN C 6 -17.78 -12.55 1.14
C GLN C 6 -19.06 -13.37 0.97
N SER C 7 -18.94 -14.70 1.04
CA SER C 7 -20.09 -15.58 1.21
C SER C 7 -19.75 -16.80 2.10
N PRO C 8 -20.76 -17.38 2.78
CA PRO C 8 -22.10 -16.82 3.06
C PRO C 8 -22.04 -15.73 4.15
N SER C 9 -23.09 -14.91 4.31
CA SER C 9 -23.13 -13.81 5.28
C SER C 9 -23.16 -14.25 6.75
N SER C 10 -23.76 -15.41 7.02
CA SER C 10 -23.72 -16.07 8.32
C SER C 10 -23.94 -17.58 8.16
N LEU C 11 -23.45 -18.35 9.14
CA LEU C 11 -23.57 -19.80 9.20
C LEU C 11 -23.41 -20.31 10.64
N SER C 12 -24.08 -21.42 10.94
CA SER C 12 -24.07 -22.09 12.22
C SER C 12 -23.28 -23.40 12.13
N ALA C 13 -22.27 -23.59 12.99
CA ALA C 13 -21.46 -24.82 13.04
C ALA C 13 -21.41 -25.39 14.47
N SER C 14 -21.49 -26.70 14.63
CA SER C 14 -21.50 -27.39 15.92
C SER C 14 -20.17 -27.21 16.68
N VAL C 15 -20.11 -27.62 17.95
CA VAL C 15 -18.85 -27.65 18.70
C VAL C 15 -17.83 -28.56 18.04
N GLY C 16 -16.68 -27.98 17.63
CA GLY C 16 -15.62 -28.70 16.92
C GLY C 16 -15.81 -28.82 15.40
N ASP C 17 -16.86 -28.25 14.81
CA ASP C 17 -17.11 -28.31 13.37
C ASP C 17 -16.06 -27.57 12.54
N ARG C 18 -16.11 -27.68 11.22
CA ARG C 18 -15.21 -26.98 10.30
C ARG C 18 -15.92 -25.78 9.67
N VAL C 19 -15.39 -24.58 9.88
CA VAL C 19 -15.89 -23.36 9.22
C VAL C 19 -14.89 -22.91 8.17
N THR C 20 -15.40 -22.67 6.96
CA THR C 20 -14.63 -22.16 5.83
C THR C 20 -15.35 -20.96 5.27
N ILE C 21 -14.64 -19.86 5.09
CA ILE C 21 -15.17 -18.60 4.59
C ILE C 21 -14.48 -18.28 3.26
N THR C 22 -15.23 -17.66 2.34
CA THR C 22 -14.70 -17.18 1.06
C THR C 22 -14.80 -15.66 0.98
N CYS C 23 -13.80 -15.02 0.40
CA CYS C 23 -13.76 -13.58 0.19
C CYS C 23 -13.22 -13.28 -1.21
N GLN C 24 -13.94 -12.49 -1.99
CA GLN C 24 -13.60 -12.15 -3.38
C GLN C 24 -13.34 -10.65 -3.52
N ALA C 25 -12.23 -10.30 -4.15
CA ALA C 25 -11.90 -8.96 -4.61
C ALA C 25 -12.36 -8.75 -6.07
N SER C 26 -12.89 -7.56 -6.37
CA SER C 26 -13.30 -7.16 -7.73
C SER C 26 -12.14 -6.90 -8.71
N GLN C 27 -10.93 -6.68 -8.19
CA GLN C 27 -9.67 -6.53 -8.92
C GLN C 27 -8.61 -7.40 -8.24
N ASP C 28 -7.61 -7.84 -8.99
CA ASP C 28 -6.55 -8.70 -8.43
C ASP C 28 -5.66 -7.95 -7.44
N VAL C 29 -5.52 -8.53 -6.24
CA VAL C 29 -4.77 -8.02 -5.10
C VAL C 29 -3.87 -9.12 -4.51
N ASN C 30 -3.36 -10.04 -5.35
CA ASN C 30 -2.28 -10.97 -4.97
C ASN C 30 -2.52 -11.76 -3.66
N GLU C 31 -1.56 -11.71 -2.75
CA GLU C 31 -1.61 -12.19 -1.37
C GLU C 31 -1.88 -11.02 -0.40
N ASP C 32 -2.24 -9.85 -0.96
CA ASP C 32 -2.49 -8.66 -0.12
C ASP C 32 -3.88 -8.77 0.54
N LEU C 33 -4.03 -9.70 1.49
CA LEU C 33 -5.32 -9.84 2.21
C LEU C 33 -5.09 -10.11 3.69
N ASN C 34 -5.17 -9.07 4.53
CA ASN C 34 -5.06 -9.26 5.96
C ASN C 34 -6.41 -9.75 6.50
N TRP C 35 -6.45 -10.93 7.10
CA TRP C 35 -7.69 -11.49 7.63
C TRP C 35 -7.76 -11.33 9.14
N TYR C 36 -8.78 -10.65 9.67
CA TYR C 36 -9.04 -10.46 11.09
C TYR C 36 -10.19 -11.33 11.65
N GLN C 37 -10.17 -11.63 12.95
CA GLN C 37 -11.27 -12.18 13.75
C GLN C 37 -11.74 -11.14 14.77
N GLN C 38 -13.00 -10.71 14.71
CA GLN C 38 -13.62 -9.83 15.71
C GLN C 38 -14.60 -10.63 16.57
N LYS C 39 -14.20 -10.87 17.83
CA LYS C 39 -15.10 -11.47 18.82
C LYS C 39 -16.13 -10.42 19.26
N PRO C 40 -17.35 -10.80 19.64
CA PRO C 40 -18.34 -9.84 20.16
C PRO C 40 -17.78 -9.03 21.35
N GLY C 41 -17.88 -7.70 21.27
CA GLY C 41 -17.32 -6.78 22.27
C GLY C 41 -15.79 -6.67 22.27
N LYS C 42 -15.10 -7.05 21.20
CA LYS C 42 -13.64 -7.00 21.02
C LYS C 42 -13.28 -6.50 19.62
N ALA C 43 -12.13 -5.84 19.50
CA ALA C 43 -11.59 -5.43 18.21
C ALA C 43 -11.24 -6.66 17.33
N PRO C 44 -11.26 -6.51 16.00
CA PRO C 44 -10.69 -7.50 15.09
C PRO C 44 -9.20 -7.78 15.38
N LYS C 45 -8.84 -9.06 15.40
CA LYS C 45 -7.50 -9.59 15.65
C LYS C 45 -6.97 -10.25 14.38
N LEU C 46 -5.79 -9.89 13.89
CA LEU C 46 -5.20 -10.49 12.69
C LEU C 46 -4.95 -12.00 12.87
N LEU C 47 -5.30 -12.77 11.83
CA LEU C 47 -5.18 -14.22 11.70
C LEU C 47 -4.21 -14.64 10.60
N ILE C 48 -4.27 -13.97 9.43
CA ILE C 48 -3.54 -14.37 8.22
C ILE C 48 -2.87 -13.15 7.61
N TYR C 49 -1.59 -13.32 7.25
CA TYR C 49 -0.82 -12.41 6.40
C TYR C 49 -0.31 -13.18 5.18
N GLY C 50 -0.23 -12.53 4.02
CA GLY C 50 0.17 -13.26 2.80
C GLY C 50 -0.86 -14.28 2.34
N ALA C 51 -2.05 -14.32 2.94
CA ALA C 51 -3.16 -15.20 2.47
C ALA C 51 -3.00 -16.67 2.89
N PHE C 52 -1.79 -17.12 3.23
CA PHE C 52 -1.55 -18.52 3.60
C PHE C 52 -0.66 -18.71 4.85
N ASN C 53 -0.21 -17.63 5.51
CA ASN C 53 0.65 -17.71 6.70
C ASN C 53 -0.15 -17.35 7.96
N LEU C 54 0.00 -18.15 9.02
CA LEU C 54 -0.60 -17.88 10.32
C LEU C 54 0.06 -16.67 10.99
N GLU C 55 -0.74 -15.71 11.46
CA GLU C 55 -0.24 -14.58 12.23
C GLU C 55 0.33 -14.99 13.61
N THR C 56 1.34 -14.27 14.08
CA THR C 56 1.99 -14.47 15.37
C THR C 56 0.98 -14.27 16.51
N GLY C 57 0.95 -15.20 17.47
CA GLY C 57 0.00 -15.13 18.59
C GLY C 57 -1.42 -15.63 18.26
N VAL C 58 -1.56 -16.36 17.16
CA VAL C 58 -2.78 -17.08 16.77
C VAL C 58 -2.58 -18.60 16.88
N SER C 59 -3.65 -19.35 17.14
CA SER C 59 -3.60 -20.83 17.20
C SER C 59 -3.32 -21.45 15.83
N SER C 60 -2.64 -22.61 15.78
CA SER C 60 -2.28 -23.31 14.54
C SER C 60 -3.47 -23.84 13.70
N LYS C 61 -4.68 -23.90 14.27
CA LYS C 61 -5.89 -24.37 13.57
C LYS C 61 -6.36 -23.51 12.37
N PHE C 62 -5.91 -22.27 12.29
CA PHE C 62 -6.24 -21.34 11.20
C PHE C 62 -5.18 -21.45 10.09
N SER C 63 -5.58 -21.88 8.89
CA SER C 63 -4.67 -21.97 7.75
C SER C 63 -5.46 -21.82 6.44
N GLY C 64 -5.17 -20.72 5.75
CA GLY C 64 -5.90 -20.30 4.55
C GLY C 64 -5.16 -20.59 3.25
N SER C 65 -5.81 -20.24 2.16
CA SER C 65 -5.29 -20.36 0.79
C SER C 65 -6.01 -19.36 -0.12
N GLY C 66 -5.85 -19.50 -1.43
CA GLY C 66 -6.40 -18.55 -2.39
C GLY C 66 -5.56 -17.27 -2.47
N SER C 67 -5.41 -16.78 -3.69
CA SER C 67 -4.66 -15.56 -4.00
C SER C 67 -5.14 -15.00 -5.34
N GLY C 68 -4.81 -13.73 -5.57
CA GLY C 68 -5.22 -12.93 -6.71
C GLY C 68 -6.55 -12.23 -6.45
N THR C 69 -7.63 -12.76 -7.00
CA THR C 69 -9.00 -12.23 -6.87
C THR C 69 -9.85 -12.95 -5.83
N HIS C 70 -9.45 -14.14 -5.37
CA HIS C 70 -10.23 -14.95 -4.43
C HIS C 70 -9.35 -15.48 -3.30
N PHE C 71 -9.89 -15.42 -2.08
CA PHE C 71 -9.21 -15.71 -0.83
C PHE C 71 -10.05 -16.63 0.05
N THR C 72 -9.39 -17.55 0.75
CA THR C 72 -10.04 -18.63 1.49
C THR C 72 -9.38 -18.80 2.85
N LEU C 73 -10.15 -19.02 3.90
CA LEU C 73 -9.62 -19.48 5.19
C LEU C 73 -10.42 -20.67 5.64
N THR C 74 -9.72 -21.77 5.89
CA THR C 74 -10.29 -22.98 6.46
C THR C 74 -9.87 -23.05 7.91
N ILE C 75 -10.82 -22.94 8.82
CA ILE C 75 -10.57 -23.23 10.23
C ILE C 75 -10.68 -24.73 10.35
N SER C 76 -9.54 -25.44 10.42
CA SER C 76 -9.52 -26.91 10.31
C SER C 76 -10.41 -27.59 11.38
N SER C 77 -10.67 -26.86 12.47
CA SER C 77 -11.52 -27.21 13.60
C SER C 77 -11.97 -25.90 14.32
N LEU C 78 -13.15 -25.35 13.97
CA LEU C 78 -13.82 -24.24 14.69
C LEU C 78 -14.10 -24.74 16.11
N GLN C 79 -13.84 -23.87 17.10
CA GLN C 79 -14.03 -24.22 18.49
C GLN C 79 -14.99 -23.28 19.24
N PRO C 80 -15.43 -23.64 20.46
CA PRO C 80 -16.17 -22.76 21.36
C PRO C 80 -15.45 -21.44 21.65
N GLU C 81 -14.12 -21.40 21.67
CA GLU C 81 -13.38 -20.14 21.77
C GLU C 81 -13.36 -19.32 20.46
N ASP C 82 -13.65 -19.91 19.31
CA ASP C 82 -13.61 -19.30 17.98
C ASP C 82 -14.98 -18.74 17.53
N ILE C 83 -15.98 -18.75 18.41
CA ILE C 83 -17.31 -18.13 18.22
C ILE C 83 -17.15 -16.61 18.11
N ALA C 84 -17.14 -16.13 16.87
CA ALA C 84 -16.78 -14.78 16.48
C ALA C 84 -17.05 -14.58 14.99
N THR C 85 -17.01 -13.33 14.57
CA THR C 85 -17.06 -12.96 13.16
C THR C 85 -15.64 -12.81 12.62
N TYR C 86 -15.49 -12.90 11.30
CA TYR C 86 -14.21 -12.65 10.63
C TYR C 86 -14.37 -11.60 9.53
N TYR C 87 -13.30 -10.82 9.27
CA TYR C 87 -13.23 -9.77 8.26
C TYR C 87 -11.95 -9.93 7.44
N CYS C 88 -12.12 -10.16 6.15
CA CYS C 88 -11.04 -9.99 5.18
C CYS C 88 -10.82 -8.49 4.88
N GLN C 89 -9.58 -8.09 4.53
CA GLN C 89 -9.21 -6.72 4.11
C GLN C 89 -8.17 -6.75 3.00
N GLN C 90 -8.40 -5.97 1.94
CA GLN C 90 -7.42 -5.73 0.89
C GLN C 90 -6.67 -4.41 1.11
N TYR C 91 -5.48 -4.31 0.53
CA TYR C 91 -4.69 -3.07 0.49
C TYR C 91 -3.89 -2.88 -0.82
N GLY C 92 -4.33 -3.51 -1.91
CA GLY C 92 -3.60 -3.56 -3.18
C GLY C 92 -3.54 -2.23 -3.95
N HIS C 93 -4.47 -1.30 -3.68
CA HIS C 93 -4.58 0.02 -4.33
C HIS C 93 -4.41 1.17 -3.32
N GLN C 94 -4.33 2.41 -3.84
CA GLN C 94 -4.23 3.64 -3.05
C GLN C 94 -5.40 3.91 -2.09
N ALA C 95 -6.58 3.32 -2.32
CA ALA C 95 -7.69 3.30 -1.37
C ALA C 95 -7.87 1.89 -0.80
N LEU C 96 -7.76 1.77 0.52
CA LEU C 96 -7.92 0.49 1.22
C LEU C 96 -9.41 0.20 1.45
N SER C 97 -9.77 -1.05 1.67
CA SER C 97 -11.15 -1.44 1.96
C SER C 97 -11.23 -2.80 2.66
N PHE C 98 -12.40 -3.06 3.26
CA PHE C 98 -12.68 -4.24 4.05
C PHE C 98 -13.84 -5.03 3.43
N GLY C 99 -13.84 -6.35 3.63
CA GLY C 99 -14.95 -7.23 3.30
C GLY C 99 -16.12 -7.09 4.27
N GLY C 100 -17.32 -7.48 3.81
CA GLY C 100 -18.52 -7.40 4.67
C GLY C 100 -18.37 -8.24 5.94
N GLY C 101 -17.60 -9.33 5.87
CA GLY C 101 -17.37 -10.20 7.05
C GLY C 101 -18.47 -11.22 7.20
N THR C 102 -18.14 -12.41 7.72
CA THR C 102 -19.14 -13.49 7.92
C THR C 102 -19.36 -13.71 9.42
N LYS C 103 -20.60 -13.52 9.89
CA LYS C 103 -20.91 -13.74 11.31
C LYS C 103 -21.06 -15.25 11.56
N VAL C 104 -20.16 -15.80 12.37
CA VAL C 104 -20.15 -17.25 12.68
C VAL C 104 -20.53 -17.44 14.13
N GLU C 105 -21.55 -18.25 14.36
CA GLU C 105 -21.94 -18.67 15.69
C GLU C 105 -21.83 -20.19 15.82
N ILE C 106 -21.82 -20.68 17.06
CA ILE C 106 -22.05 -22.11 17.31
C ILE C 106 -23.53 -22.45 17.07
N LYS C 107 -23.77 -23.64 16.51
CA LYS C 107 -25.08 -24.19 16.20
C LYS C 107 -25.82 -24.70 17.44
#